data_2PHB
#
_entry.id   2PHB
#
_cell.length_a   56.483
_cell.length_b   72.406
_cell.length_c   77.715
_cell.angle_alpha   90.000
_cell.angle_beta   90.000
_cell.angle_gamma   90.000
#
_symmetry.space_group_name_H-M   'P 21 21 21'
#
loop_
_entity.id
_entity.type
_entity.pdbx_description
1 polymer 'Coagulation factor X, heavy chain'
2 polymer 'Coagulation factor X, light chain'
3 non-polymer 'CALCIUM ION'
4 non-polymer (2R,4R)-N~1~-(4-CHLOROPHENYL)-N~2~-[2-FLUORO-4-(2-OXOPYRIDIN-1(2H)-YL)PHENYL]-4-METHOXYPYRROLIDINE-1,2-DICARBOXAMIDE
5 water water
#
loop_
_entity_poly.entity_id
_entity_poly.type
_entity_poly.pdbx_seq_one_letter_code
_entity_poly.pdbx_strand_id
1 'polypeptide(L)'
;IVGGQECKDGECPWQALLINEENEGFCGGTILSEFYILTAAHCLYQAKRFKVRVGDRNTEQEEGGEAVHEVEVVIKHNRF
TKETYDFDIAVLRLKTPITFRMNVAPACLPERDWAESTLMTQKTGIVSGFGRTHEKGRQSTRLKMLEVPYVDRNSCKLSS
SFIITQNMFCAGYDTKQEDACQGDSGGPHVTRFKDTYFVTGIVSWGEGCARKGKYGIYTKVTAFLKWIDRSMKT
;
A
2 'polypeptide(L)' LCSLDNGDCDQFCHEEQNSVVCSCARGYTLADNGKACIPTGPYPCGKQTLE B
#
# COMPACT_ATOMS: atom_id res chain seq x y z
N ILE A 1 -9.41 3.33 -10.00
CA ILE A 1 -9.29 4.65 -9.33
C ILE A 1 -10.19 5.66 -10.02
N VAL A 2 -11.00 6.37 -9.24
CA VAL A 2 -11.89 7.39 -9.78
C VAL A 2 -11.25 8.74 -9.56
N GLY A 3 -10.94 9.42 -10.67
CA GLY A 3 -10.30 10.71 -10.57
C GLY A 3 -8.80 10.49 -10.47
N GLY A 4 -8.13 11.34 -9.71
CA GLY A 4 -6.70 11.21 -9.55
C GLY A 4 -5.98 11.47 -10.87
N GLN A 5 -4.80 10.87 -11.01
CA GLN A 5 -4.03 11.06 -12.22
C GLN A 5 -3.36 9.75 -12.63
N GLU A 6 -2.78 9.76 -13.81
CA GLU A 6 -2.08 8.61 -14.35
C GLU A 6 -0.73 8.47 -13.63
N CYS A 7 -0.32 7.23 -13.38
CA CYS A 7 0.96 6.96 -12.74
C CYS A 7 2.04 7.11 -13.81
N LYS A 8 2.81 8.18 -13.71
CA LYS A 8 3.87 8.42 -14.68
C LYS A 8 5.00 7.44 -14.49
N ASP A 9 5.99 7.52 -15.36
CA ASP A 9 7.11 6.60 -15.30
C ASP A 9 7.93 6.68 -14.01
N GLY A 10 7.99 5.55 -13.31
CA GLY A 10 8.76 5.47 -12.08
C GLY A 10 8.06 5.99 -10.84
N GLU A 11 6.82 6.46 -10.99
CA GLU A 11 6.08 7.00 -9.87
C GLU A 11 5.48 6.01 -8.86
N CYS A 12 5.00 4.86 -9.32
CA CYS A 12 4.41 3.90 -8.38
C CYS A 12 5.05 2.52 -8.54
N PRO A 13 6.37 2.44 -8.31
CA PRO A 13 7.16 1.22 -8.41
C PRO A 13 6.77 0.03 -7.54
N TRP A 14 6.09 0.30 -6.44
CA TRP A 14 5.65 -0.73 -5.49
C TRP A 14 4.30 -1.36 -5.83
N GLN A 15 3.66 -0.84 -6.87
CA GLN A 15 2.36 -1.36 -7.29
C GLN A 15 2.50 -2.77 -7.86
N ALA A 16 1.60 -3.66 -7.46
CA ALA A 16 1.61 -5.05 -7.94
C ALA A 16 0.20 -5.38 -8.41
N LEU A 17 0.10 -6.22 -9.44
CA LEU A 17 -1.20 -6.60 -9.97
C LEU A 17 -1.42 -8.09 -9.97
N LEU A 18 -2.53 -8.51 -9.36
CA LEU A 18 -2.89 -9.92 -9.34
C LEU A 18 -3.67 -10.16 -10.62
N ILE A 19 -3.24 -11.13 -11.42
CA ILE A 19 -3.93 -11.46 -12.66
C ILE A 19 -4.43 -12.90 -12.61
N ASN A 20 -5.64 -13.13 -13.12
CA ASN A 20 -6.22 -14.47 -13.14
C ASN A 20 -5.60 -15.28 -14.28
N GLU A 21 -5.88 -16.58 -14.32
CA GLU A 21 -5.31 -17.45 -15.36
C GLU A 21 -5.60 -16.94 -16.76
N GLU A 22 -6.53 -16.00 -16.87
CA GLU A 22 -6.89 -15.43 -18.15
C GLU A 22 -6.04 -14.19 -18.40
N ASN A 23 -5.09 -13.96 -17.49
CA ASN A 23 -4.18 -12.82 -17.56
C ASN A 23 -4.83 -11.45 -17.39
N GLU A 24 -6.03 -11.45 -16.82
CA GLU A 24 -6.77 -10.22 -16.57
C GLU A 24 -6.52 -9.83 -15.10
N GLY A 25 -6.31 -8.54 -14.85
CA GLY A 25 -6.08 -8.08 -13.50
C GLY A 25 -7.37 -8.08 -12.70
N PHE A 26 -7.30 -8.39 -11.42
CA PHE A 26 -8.51 -8.39 -10.61
C PHE A 26 -8.31 -7.76 -9.23
N CYS A 27 -7.06 -7.58 -8.83
CA CYS A 27 -6.73 -6.97 -7.53
C CYS A 27 -5.32 -6.44 -7.49
N GLY A 28 -5.10 -5.48 -6.59
CA GLY A 28 -3.79 -4.90 -6.44
C GLY A 28 -2.99 -5.60 -5.36
N GLY A 29 -1.75 -5.16 -5.18
CA GLY A 29 -0.89 -5.74 -4.16
C GLY A 29 0.28 -4.80 -4.01
N THR A 30 1.00 -4.89 -2.89
CA THR A 30 2.15 -4.02 -2.72
C THR A 30 3.44 -4.79 -2.49
N ILE A 31 4.48 -4.40 -3.22
CA ILE A 31 5.79 -5.02 -3.13
C ILE A 31 6.41 -4.61 -1.82
N LEU A 32 6.83 -5.60 -1.03
CA LEU A 32 7.46 -5.36 0.26
C LEU A 32 8.94 -5.69 0.19
N SER A 33 9.27 -6.70 -0.59
CA SER A 33 10.65 -7.13 -0.77
C SER A 33 10.73 -7.93 -2.06
N GLU A 34 11.91 -8.45 -2.36
CA GLU A 34 12.08 -9.20 -3.60
C GLU A 34 11.22 -10.47 -3.64
N PHE A 35 10.80 -10.97 -2.48
CA PHE A 35 9.98 -12.19 -2.42
C PHE A 35 8.54 -11.98 -1.92
N TYR A 36 8.28 -10.90 -1.20
CA TYR A 36 6.95 -10.70 -0.66
C TYR A 36 6.03 -9.60 -1.19
N ILE A 37 4.76 -9.94 -1.31
CA ILE A 37 3.73 -9.03 -1.77
C ILE A 37 2.64 -8.96 -0.71
N LEU A 38 2.12 -7.75 -0.47
CA LEU A 38 1.06 -7.52 0.51
C LEU A 38 -0.22 -7.22 -0.24
N THR A 39 -1.30 -7.92 0.08
CA THR A 39 -2.56 -7.68 -0.60
C THR A 39 -3.72 -7.86 0.36
N ALA A 40 -4.94 -7.88 -0.19
CA ALA A 40 -6.14 -8.05 0.62
C ALA A 40 -6.59 -9.50 0.67
N ALA A 41 -7.01 -9.94 1.85
CA ALA A 41 -7.48 -11.30 2.04
C ALA A 41 -8.68 -11.63 1.13
N HIS A 42 -9.65 -10.72 1.04
CA HIS A 42 -10.84 -10.97 0.21
C HIS A 42 -10.51 -11.09 -1.28
N CYS A 43 -9.28 -10.79 -1.65
CA CYS A 43 -8.87 -10.90 -3.04
C CYS A 43 -8.58 -12.36 -3.38
N LEU A 44 -8.29 -13.14 -2.34
CA LEU A 44 -7.97 -14.55 -2.52
C LEU A 44 -9.13 -15.39 -3.05
N TYR A 45 -10.26 -15.35 -2.36
CA TYR A 45 -11.43 -16.12 -2.78
C TYR A 45 -11.82 -15.73 -4.21
N GLN A 46 -11.33 -14.57 -4.63
CA GLN A 46 -11.63 -14.00 -5.94
C GLN A 46 -10.94 -14.63 -7.15
N ALA A 47 -10.16 -15.69 -6.94
CA ALA A 47 -9.48 -16.34 -8.07
C ALA A 47 -8.94 -17.74 -7.77
N LYS A 48 -9.40 -18.70 -8.56
CA LYS A 48 -8.99 -20.10 -8.45
C LYS A 48 -7.47 -20.12 -8.33
N ARG A 49 -6.82 -19.67 -9.39
CA ARG A 49 -5.35 -19.58 -9.44
C ARG A 49 -5.00 -18.18 -9.93
N PHE A 50 -3.86 -17.67 -9.47
CA PHE A 50 -3.44 -16.34 -9.90
C PHE A 50 -1.94 -16.11 -9.82
N LYS A 51 -1.46 -15.12 -10.56
CA LYS A 51 -0.06 -14.76 -10.56
C LYS A 51 0.06 -13.27 -10.24
N VAL A 52 1.28 -12.81 -10.01
CA VAL A 52 1.51 -11.43 -9.68
C VAL A 52 2.29 -10.75 -10.78
N ARG A 53 1.85 -9.56 -11.19
CA ARG A 53 2.58 -8.85 -12.22
C ARG A 53 3.19 -7.59 -11.64
N VAL A 54 4.41 -7.26 -12.07
CA VAL A 54 5.11 -6.06 -11.61
C VAL A 54 5.66 -5.27 -12.79
N GLY A 55 5.87 -3.96 -12.57
CA GLY A 55 6.43 -3.13 -13.62
C GLY A 55 5.46 -2.76 -14.71
N ASP A 56 4.19 -3.09 -14.52
CA ASP A 56 3.19 -2.78 -15.53
C ASP A 56 2.50 -1.45 -15.25
N ARG A 57 2.25 -0.68 -16.30
CA ARG A 57 1.57 0.61 -16.19
C ARG A 57 0.39 0.66 -17.16
N ASN A 58 0.43 -0.21 -18.16
CA ASN A 58 -0.59 -0.31 -19.20
C ASN A 58 -0.75 -1.78 -19.60
N THR A 59 -1.84 -2.40 -19.16
CA THR A 59 -2.13 -3.81 -19.44
C THR A 59 -2.34 -4.21 -20.91
N GLU A 60 -2.64 -3.24 -21.77
CA GLU A 60 -2.89 -3.51 -23.18
C GLU A 60 -1.66 -4.01 -23.93
N GLN A 61 -0.50 -3.95 -23.29
CA GLN A 61 0.71 -4.36 -23.96
C GLN A 61 1.90 -4.65 -23.06
N GLU A 62 2.99 -5.09 -23.69
CA GLU A 62 4.24 -5.40 -23.02
C GLU A 62 5.30 -4.43 -23.49
N GLU A 63 5.77 -3.55 -22.61
CA GLU A 63 6.80 -2.59 -22.99
C GLU A 63 8.18 -3.12 -22.66
N GLY A 64 8.22 -4.31 -22.05
CA GLY A 64 9.51 -4.91 -21.73
C GLY A 64 9.90 -4.87 -20.26
N GLY A 65 9.29 -3.97 -19.49
CA GLY A 65 9.61 -3.88 -18.08
C GLY A 65 8.81 -4.81 -17.21
N GLU A 66 7.63 -5.20 -17.68
CA GLU A 66 6.76 -6.09 -16.94
C GLU A 66 7.43 -7.43 -16.64
N ALA A 67 7.01 -8.05 -15.55
CA ALA A 67 7.54 -9.34 -15.12
C ALA A 67 6.48 -10.12 -14.34
N VAL A 68 6.32 -11.39 -14.69
CA VAL A 68 5.36 -12.27 -14.04
C VAL A 68 6.07 -13.13 -13.01
N HIS A 69 5.44 -13.31 -11.85
CA HIS A 69 5.97 -14.11 -10.76
C HIS A 69 4.86 -15.00 -10.19
N GLU A 70 5.12 -16.30 -10.12
CA GLU A 70 4.14 -17.24 -9.59
C GLU A 70 4.18 -17.18 -8.07
N VAL A 71 3.05 -17.50 -7.45
CA VAL A 71 2.92 -17.49 -6.00
C VAL A 71 3.29 -18.85 -5.43
N GLU A 72 4.15 -18.86 -4.42
CA GLU A 72 4.56 -20.11 -3.80
C GLU A 72 3.73 -20.38 -2.55
N VAL A 73 3.49 -19.34 -1.77
CA VAL A 73 2.70 -19.47 -0.55
C VAL A 73 1.73 -18.31 -0.43
N VAL A 74 0.50 -18.64 -0.04
CA VAL A 74 -0.54 -17.65 0.16
C VAL A 74 -0.86 -17.63 1.64
N ILE A 75 -0.40 -16.60 2.34
CA ILE A 75 -0.63 -16.47 3.76
C ILE A 75 -1.81 -15.55 4.02
N LYS A 76 -2.97 -16.16 4.23
CA LYS A 76 -4.20 -15.44 4.49
C LYS A 76 -4.39 -15.34 5.99
N HIS A 77 -4.83 -14.18 6.47
CA HIS A 77 -5.04 -14.01 7.89
C HIS A 77 -6.22 -14.91 8.24
N ASN A 78 -6.01 -15.85 9.15
CA ASN A 78 -7.06 -16.79 9.51
C ASN A 78 -8.35 -16.15 10.03
N ARG A 79 -8.23 -15.02 10.71
CA ARG A 79 -9.40 -14.36 11.27
C ARG A 79 -10.22 -13.57 10.27
N PHE A 80 -9.80 -13.52 9.01
CA PHE A 80 -10.57 -12.78 8.02
C PHE A 80 -11.89 -13.44 7.68
N THR A 81 -12.95 -12.64 7.67
CA THR A 81 -14.28 -13.11 7.34
C THR A 81 -15.02 -12.06 6.53
N LYS A 82 -15.66 -12.51 5.46
CA LYS A 82 -16.42 -11.61 4.59
C LYS A 82 -17.60 -10.93 5.29
N GLU A 83 -18.09 -11.52 6.38
CA GLU A 83 -19.22 -10.94 7.09
C GLU A 83 -18.92 -9.57 7.71
N THR A 84 -17.66 -9.30 8.01
CA THR A 84 -17.28 -8.03 8.60
C THR A 84 -16.17 -7.37 7.79
N TYR A 85 -15.45 -8.18 7.03
CA TYR A 85 -14.34 -7.71 6.23
C TYR A 85 -13.23 -7.21 7.12
N ASP A 86 -13.24 -7.68 8.36
CA ASP A 86 -12.22 -7.32 9.32
C ASP A 86 -11.03 -8.21 8.98
N PHE A 87 -9.84 -7.79 9.38
CA PHE A 87 -8.64 -8.53 9.09
C PHE A 87 -8.50 -8.82 7.60
N ASP A 88 -8.68 -7.78 6.77
CA ASP A 88 -8.56 -7.92 5.32
C ASP A 88 -7.10 -7.67 4.92
N ILE A 89 -6.29 -8.71 5.08
CA ILE A 89 -4.87 -8.65 4.80
C ILE A 89 -4.32 -10.03 4.44
N ALA A 90 -3.40 -10.06 3.48
CA ALA A 90 -2.78 -11.30 3.07
C ALA A 90 -1.37 -11.00 2.59
N VAL A 91 -0.49 -11.97 2.76
CA VAL A 91 0.88 -11.83 2.32
C VAL A 91 1.20 -12.98 1.38
N LEU A 92 1.89 -12.65 0.29
CA LEU A 92 2.26 -13.64 -0.69
C LEU A 92 3.78 -13.79 -0.78
N ARG A 93 4.24 -15.04 -0.80
CA ARG A 93 5.66 -15.28 -0.96
C ARG A 93 5.74 -15.74 -2.41
N LEU A 94 6.58 -15.07 -3.20
CA LEU A 94 6.72 -15.42 -4.62
C LEU A 94 7.71 -16.55 -4.82
N LYS A 95 7.54 -17.31 -5.89
CA LYS A 95 8.45 -18.43 -6.19
C LYS A 95 9.82 -17.95 -6.62
N THR A 96 9.86 -16.84 -7.35
CA THR A 96 11.13 -16.29 -7.82
C THR A 96 11.22 -14.84 -7.34
N PRO A 97 12.44 -14.38 -7.03
CA PRO A 97 12.69 -13.03 -6.54
C PRO A 97 12.42 -11.94 -7.58
N ILE A 98 11.86 -10.82 -7.13
CA ILE A 98 11.59 -9.74 -8.04
C ILE A 98 12.88 -8.98 -8.36
N THR A 99 13.01 -8.52 -9.60
CA THR A 99 14.17 -7.75 -10.01
C THR A 99 13.81 -6.29 -9.94
N PHE A 100 14.33 -5.56 -8.97
CA PHE A 100 14.01 -4.15 -8.87
C PHE A 100 14.57 -3.40 -10.08
N ARG A 101 13.80 -2.46 -10.58
CA ARG A 101 14.18 -1.66 -11.74
C ARG A 101 13.19 -0.51 -11.87
N MET A 102 13.29 0.24 -12.96
CA MET A 102 12.39 1.33 -13.23
C MET A 102 10.97 0.79 -13.10
N ASN A 103 10.14 1.43 -12.29
CA ASN A 103 8.78 0.99 -12.08
C ASN A 103 8.64 -0.30 -11.26
N VAL A 104 9.74 -0.78 -10.67
CA VAL A 104 9.67 -2.00 -9.86
C VAL A 104 10.56 -1.88 -8.61
N ALA A 105 9.94 -1.53 -7.49
CA ALA A 105 10.65 -1.37 -6.22
C ALA A 105 9.67 -1.48 -5.07
N PRO A 106 10.15 -1.94 -3.91
CA PRO A 106 9.26 -2.08 -2.76
C PRO A 106 9.02 -0.78 -2.00
N ALA A 107 7.90 -0.74 -1.28
CA ALA A 107 7.54 0.39 -0.45
C ALA A 107 8.12 0.04 0.93
N CYS A 108 8.34 1.04 1.77
CA CYS A 108 8.90 0.76 3.10
C CYS A 108 7.86 0.38 4.16
N LEU A 109 8.24 -0.57 5.02
CA LEU A 109 7.39 -0.97 6.12
C LEU A 109 7.86 -0.05 7.24
N PRO A 110 6.93 0.65 7.90
CA PRO A 110 7.36 1.53 8.98
C PRO A 110 7.27 0.78 10.30
N GLU A 111 7.51 1.49 11.39
CA GLU A 111 7.40 0.90 12.71
C GLU A 111 6.08 1.38 13.25
N ARG A 112 5.39 0.53 14.00
CA ARG A 112 4.08 0.86 14.54
C ARG A 112 3.90 2.27 15.08
N ASP A 113 4.37 2.51 16.31
CA ASP A 113 4.22 3.83 16.93
C ASP A 113 4.60 4.98 16.03
N TRP A 114 5.77 4.89 15.40
CA TRP A 114 6.22 5.97 14.54
C TRP A 114 5.19 6.24 13.44
N ALA A 115 4.75 5.19 12.76
CA ALA A 115 3.79 5.35 11.69
C ALA A 115 2.51 5.97 12.19
N GLU A 116 2.02 5.51 13.35
CA GLU A 116 0.78 6.03 13.91
C GLU A 116 0.89 7.49 14.36
N SER A 117 2.04 7.88 14.89
CA SER A 117 2.22 9.25 15.34
C SER A 117 2.72 10.18 14.25
N THR A 118 3.32 9.63 13.19
CA THR A 118 3.87 10.46 12.13
C THR A 118 3.27 10.28 10.73
N LEU A 119 3.06 9.04 10.33
CA LEU A 119 2.49 8.78 9.01
C LEU A 119 0.97 8.96 8.99
N MET A 120 0.28 8.26 9.88
CA MET A 120 -1.18 8.31 9.98
C MET A 120 -1.71 9.72 10.31
N THR A 121 -0.85 10.54 10.89
CA THR A 121 -1.23 11.89 11.27
C THR A 121 -1.01 12.89 10.13
N GLN A 122 -0.48 12.39 9.02
CA GLN A 122 -0.21 13.19 7.84
C GLN A 122 -1.52 13.76 7.33
N LYS A 123 -1.44 14.69 6.39
CA LYS A 123 -2.63 15.29 5.82
C LYS A 123 -3.25 14.32 4.82
N THR A 124 -2.40 13.70 4.01
CA THR A 124 -2.88 12.79 2.98
C THR A 124 -2.05 11.53 2.78
N GLY A 125 -2.69 10.56 2.12
CA GLY A 125 -2.06 9.30 1.78
C GLY A 125 -2.23 9.13 0.29
N ILE A 126 -1.61 8.10 -0.28
CA ILE A 126 -1.73 7.85 -1.71
C ILE A 126 -2.15 6.43 -2.03
N VAL A 127 -3.24 6.29 -2.78
CA VAL A 127 -3.74 4.98 -3.18
C VAL A 127 -3.58 4.88 -4.71
N SER A 128 -3.39 3.68 -5.22
CA SER A 128 -3.20 3.51 -6.64
C SER A 128 -3.72 2.17 -7.13
N GLY A 129 -3.84 2.01 -8.45
CA GLY A 129 -4.33 0.76 -8.99
C GLY A 129 -4.84 0.83 -10.42
N PHE A 130 -5.19 -0.34 -10.95
CA PHE A 130 -5.72 -0.47 -12.30
C PHE A 130 -7.24 -0.69 -12.25
N GLY A 131 -7.84 -0.42 -11.10
CA GLY A 131 -9.27 -0.62 -10.94
C GLY A 131 -10.16 0.28 -11.77
N ARG A 132 -11.45 0.00 -11.76
CA ARG A 132 -12.45 0.76 -12.52
C ARG A 132 -12.30 2.25 -12.28
N THR A 133 -12.58 3.04 -13.31
CA THR A 133 -12.49 4.49 -13.20
C THR A 133 -13.84 5.11 -12.84
N HIS A 134 -14.83 4.24 -12.66
CA HIS A 134 -16.19 4.61 -12.27
C HIS A 134 -16.86 3.43 -11.56
N GLU A 135 -17.90 3.71 -10.78
CA GLU A 135 -18.57 2.62 -10.07
C GLU A 135 -19.02 1.53 -11.02
N LYS A 136 -19.67 1.93 -12.11
CA LYS A 136 -20.16 0.96 -13.09
C LYS A 136 -19.28 0.84 -14.33
N GLY A 137 -18.00 1.16 -14.20
CA GLY A 137 -17.11 1.08 -15.35
C GLY A 137 -16.40 -0.26 -15.48
N ARG A 138 -15.36 -0.30 -16.30
CA ARG A 138 -14.59 -1.52 -16.50
C ARG A 138 -13.18 -1.39 -15.89
N GLN A 139 -12.46 -2.50 -15.89
CA GLN A 139 -11.09 -2.56 -15.36
C GLN A 139 -10.25 -1.51 -16.10
N SER A 140 -9.73 -0.53 -15.38
CA SER A 140 -8.90 0.50 -16.01
C SER A 140 -7.67 -0.15 -16.62
N THR A 141 -7.24 0.37 -17.77
CA THR A 141 -6.08 -0.20 -18.45
C THR A 141 -4.77 0.48 -18.07
N ARG A 142 -4.89 1.68 -17.47
CA ARG A 142 -3.72 2.45 -17.05
C ARG A 142 -3.59 2.48 -15.53
N LEU A 143 -2.37 2.39 -15.03
CA LEU A 143 -2.14 2.45 -13.59
C LEU A 143 -2.40 3.88 -13.14
N LYS A 144 -3.26 4.03 -12.13
CA LYS A 144 -3.56 5.37 -11.63
C LYS A 144 -3.19 5.51 -10.16
N MET A 145 -3.14 6.75 -9.69
CA MET A 145 -2.82 7.04 -8.30
C MET A 145 -3.73 8.17 -7.88
N LEU A 146 -3.93 8.32 -6.59
CA LEU A 146 -4.81 9.38 -6.11
C LEU A 146 -4.42 9.77 -4.70
N GLU A 147 -4.32 11.07 -4.47
CA GLU A 147 -3.99 11.58 -3.15
C GLU A 147 -5.31 11.54 -2.41
N VAL A 148 -5.34 10.80 -1.30
CA VAL A 148 -6.56 10.71 -0.51
C VAL A 148 -6.32 11.22 0.89
N PRO A 149 -7.14 12.17 1.33
CA PRO A 149 -6.99 12.74 2.67
C PRO A 149 -7.35 11.71 3.75
N TYR A 150 -6.63 11.74 4.86
CA TYR A 150 -6.95 10.85 5.97
C TYR A 150 -8.26 11.40 6.51
N VAL A 151 -9.17 10.52 6.91
CA VAL A 151 -10.46 10.97 7.41
C VAL A 151 -10.63 10.79 8.90
N ASP A 152 -11.34 11.73 9.52
CA ASP A 152 -11.61 11.69 10.95
C ASP A 152 -12.21 10.32 11.24
N ARG A 153 -11.81 9.70 12.36
CA ARG A 153 -12.35 8.39 12.68
C ARG A 153 -13.84 8.38 13.04
N ASN A 154 -14.29 9.39 13.76
CA ASN A 154 -15.71 9.46 14.14
C ASN A 154 -16.51 9.76 12.87
N SER A 155 -16.06 10.77 12.14
CA SER A 155 -16.70 11.17 10.90
C SER A 155 -16.71 9.98 9.96
N CYS A 156 -15.86 8.99 10.25
CA CYS A 156 -15.76 7.79 9.44
C CYS A 156 -16.82 6.76 9.82
N LYS A 157 -17.11 6.65 11.12
CA LYS A 157 -18.11 5.71 11.61
C LYS A 157 -19.52 6.22 11.34
N LEU A 158 -19.72 7.52 11.47
CA LEU A 158 -21.02 8.14 11.24
C LEU A 158 -21.47 8.04 9.78
N SER A 159 -20.54 7.74 8.88
CA SER A 159 -20.88 7.65 7.46
C SER A 159 -20.97 6.23 6.95
N SER A 160 -20.58 5.27 7.78
CA SER A 160 -20.59 3.87 7.35
C SER A 160 -21.81 3.07 7.79
N SER A 161 -22.42 2.39 6.84
CA SER A 161 -23.59 1.58 7.10
C SER A 161 -23.11 0.25 7.66
N PHE A 162 -21.79 0.14 7.78
CA PHE A 162 -21.16 -1.07 8.30
C PHE A 162 -20.22 -0.73 9.45
N ILE A 163 -19.83 -1.74 10.21
CA ILE A 163 -18.93 -1.57 11.34
C ILE A 163 -17.50 -1.26 10.91
N ILE A 164 -16.91 -0.20 11.45
CA ILE A 164 -15.53 0.17 11.15
C ILE A 164 -14.71 -0.28 12.35
N THR A 165 -13.85 -1.27 12.14
CA THR A 165 -13.04 -1.81 13.22
C THR A 165 -11.72 -1.08 13.38
N GLN A 166 -10.98 -1.44 14.41
CA GLN A 166 -9.68 -0.87 14.74
C GLN A 166 -8.66 -1.24 13.65
N ASN A 167 -8.96 -2.28 12.89
CA ASN A 167 -8.07 -2.72 11.81
C ASN A 167 -8.39 -1.98 10.52
N MET A 168 -9.29 -1.00 10.62
CA MET A 168 -9.71 -0.22 9.45
C MET A 168 -9.49 1.27 9.67
N PHE A 169 -9.46 2.01 8.56
CA PHE A 169 -9.31 3.46 8.61
C PHE A 169 -9.86 4.07 7.33
N CYS A 170 -10.43 5.26 7.46
CA CYS A 170 -11.02 5.98 6.34
C CYS A 170 -10.07 6.93 5.67
N ALA A 171 -10.19 7.03 4.35
CA ALA A 171 -9.35 7.92 3.55
C ALA A 171 -10.19 8.33 2.37
N GLY A 172 -10.18 9.61 2.03
CA GLY A 172 -10.97 10.04 0.89
C GLY A 172 -11.67 11.39 1.00
N TYR A 173 -12.69 11.56 0.18
CA TYR A 173 -13.44 12.80 0.14
C TYR A 173 -14.90 12.60 0.44
N ASP A 174 -15.47 13.58 1.15
CA ASP A 174 -16.87 13.55 1.52
C ASP A 174 -17.75 13.60 0.28
N THR A 175 -17.49 14.58 -0.59
CA THR A 175 -18.31 14.74 -1.79
C THR A 175 -17.56 14.80 -3.12
N LYS A 176 -16.31 15.22 -3.10
CA LYS A 176 -15.50 15.29 -4.32
C LYS A 176 -15.48 13.91 -4.99
N GLN A 177 -15.64 13.86 -6.30
CA GLN A 177 -15.69 12.61 -7.07
C GLN A 177 -14.38 11.88 -7.32
N GLU A 178 -13.71 11.47 -6.25
CA GLU A 178 -12.44 10.75 -6.34
C GLU A 178 -12.39 9.72 -5.22
N ASP A 179 -11.88 8.53 -5.55
CA ASP A 179 -11.79 7.46 -4.58
C ASP A 179 -11.25 6.25 -5.32
N ALA A 180 -10.96 5.18 -4.58
CA ALA A 180 -10.49 3.94 -5.18
C ALA A 180 -11.79 3.28 -5.60
N CYS A 181 -11.71 2.08 -6.14
CA CYS A 181 -12.90 1.37 -6.59
C CYS A 181 -12.63 -0.12 -6.66
N GLN A 182 -13.54 -0.86 -7.28
CA GLN A 182 -13.37 -2.29 -7.41
C GLN A 182 -12.18 -2.46 -8.34
N GLY A 183 -11.36 -3.46 -8.08
CA GLY A 183 -10.19 -3.68 -8.91
C GLY A 183 -8.94 -3.11 -8.27
N ASP A 184 -9.12 -2.11 -7.42
CA ASP A 184 -8.01 -1.48 -6.72
C ASP A 184 -7.76 -2.22 -5.42
N SER A 185 -8.72 -3.06 -5.04
CA SER A 185 -8.64 -3.85 -3.82
C SER A 185 -7.30 -4.58 -3.72
N GLY A 186 -6.74 -4.66 -2.51
CA GLY A 186 -5.47 -5.32 -2.31
C GLY A 186 -4.31 -4.38 -2.60
N GLY A 187 -4.59 -3.31 -3.32
CA GLY A 187 -3.57 -2.34 -3.68
C GLY A 187 -2.94 -1.54 -2.55
N PRO A 188 -1.91 -0.76 -2.86
CA PRO A 188 -1.21 0.04 -1.86
C PRO A 188 -1.80 1.39 -1.50
N HIS A 189 -1.76 1.70 -0.22
CA HIS A 189 -2.14 2.98 0.29
C HIS A 189 -0.81 3.32 0.93
N VAL A 190 -0.11 4.31 0.39
CA VAL A 190 1.19 4.70 0.90
C VAL A 190 1.20 6.14 1.38
N THR A 191 2.00 6.42 2.39
CA THR A 191 2.10 7.77 2.89
C THR A 191 3.56 8.18 2.72
N ARG A 192 3.73 9.42 2.24
CA ARG A 192 5.04 9.97 1.99
C ARG A 192 5.54 10.79 3.17
N PHE A 193 6.83 10.66 3.45
CA PHE A 193 7.48 11.37 4.54
C PHE A 193 8.91 11.67 4.09
N LYS A 194 9.21 12.95 3.86
CA LYS A 194 10.52 13.38 3.38
C LYS A 194 10.93 12.63 2.12
N ASP A 195 9.98 12.51 1.19
CA ASP A 195 10.18 11.81 -0.08
C ASP A 195 10.47 10.31 -0.04
N THR A 196 9.98 9.66 1.01
CA THR A 196 10.11 8.22 1.15
C THR A 196 8.69 7.75 1.43
N TYR A 197 8.24 6.74 0.68
CA TYR A 197 6.91 6.22 0.85
C TYR A 197 6.83 4.93 1.67
N PHE A 198 6.02 4.99 2.72
CA PHE A 198 5.79 3.87 3.61
C PHE A 198 4.38 3.32 3.40
N VAL A 199 4.24 2.00 3.34
CA VAL A 199 2.91 1.41 3.17
C VAL A 199 2.12 1.64 4.43
N THR A 200 0.94 2.22 4.29
CA THR A 200 0.12 2.50 5.46
C THR A 200 -1.19 1.75 5.46
N GLY A 201 -1.70 1.44 4.28
CA GLY A 201 -2.96 0.72 4.20
C GLY A 201 -3.06 -0.19 3.01
N ILE A 202 -4.08 -1.04 3.00
CA ILE A 202 -4.35 -1.97 1.92
C ILE A 202 -5.76 -1.60 1.43
N VAL A 203 -5.91 -1.33 0.14
CA VAL A 203 -7.23 -0.96 -0.36
C VAL A 203 -8.17 -2.11 -0.01
N SER A 204 -9.22 -1.81 0.74
CA SER A 204 -10.14 -2.86 1.14
C SER A 204 -11.55 -2.81 0.55
N TRP A 205 -12.37 -1.86 0.99
CA TRP A 205 -13.74 -1.78 0.46
C TRP A 205 -14.39 -0.39 0.52
N GLY A 206 -15.63 -0.35 0.04
CA GLY A 206 -16.40 0.87 0.03
C GLY A 206 -17.79 0.60 -0.49
N GLU A 207 -18.76 1.40 -0.04
CA GLU A 207 -20.15 1.27 -0.47
C GLU A 207 -20.21 2.06 -1.77
N GLY A 208 -19.86 1.40 -2.87
CA GLY A 208 -19.85 2.08 -4.15
C GLY A 208 -18.48 2.70 -4.30
N CYS A 209 -18.39 3.80 -5.04
CA CYS A 209 -17.11 4.47 -5.22
C CYS A 209 -17.34 5.95 -5.47
N ALA A 210 -16.60 6.78 -4.75
CA ALA A 210 -16.70 8.22 -4.89
C ALA A 210 -18.09 8.72 -4.50
N ARG A 211 -18.88 7.87 -3.86
CA ARG A 211 -20.22 8.26 -3.43
C ARG A 211 -20.17 9.41 -2.41
N LYS A 212 -21.04 10.39 -2.61
CA LYS A 212 -21.13 11.52 -1.68
C LYS A 212 -21.51 10.93 -0.32
N GLY A 213 -20.88 11.42 0.75
CA GLY A 213 -21.18 10.93 2.08
C GLY A 213 -20.58 9.57 2.42
N LYS A 214 -19.67 9.10 1.59
CA LYS A 214 -19.01 7.82 1.80
C LYS A 214 -17.51 7.99 1.60
N TYR A 215 -16.73 7.06 2.15
CA TYR A 215 -15.29 7.13 2.04
C TYR A 215 -14.73 5.78 1.60
N GLY A 216 -13.42 5.72 1.40
CA GLY A 216 -12.79 4.47 1.04
C GLY A 216 -12.35 3.85 2.34
N ILE A 217 -12.49 2.53 2.47
CA ILE A 217 -12.10 1.85 3.70
C ILE A 217 -10.82 1.04 3.46
N TYR A 218 -9.77 1.36 4.21
CA TYR A 218 -8.49 0.68 4.07
C TYR A 218 -8.11 -0.10 5.33
N THR A 219 -7.36 -1.18 5.14
CA THR A 219 -6.89 -2.01 6.24
C THR A 219 -5.69 -1.28 6.86
N LYS A 220 -5.74 -1.00 8.16
CA LYS A 220 -4.63 -0.33 8.81
C LYS A 220 -3.45 -1.27 8.84
N VAL A 221 -2.35 -0.88 8.20
CA VAL A 221 -1.15 -1.71 8.16
C VAL A 221 -0.43 -1.74 9.51
N THR A 222 -0.50 -0.64 10.25
CA THR A 222 0.16 -0.57 11.56
C THR A 222 -0.37 -1.61 12.54
N ALA A 223 -1.62 -2.00 12.35
CA ALA A 223 -2.24 -2.98 13.23
C ALA A 223 -1.76 -4.42 12.93
N PHE A 224 -1.00 -4.60 11.85
CA PHE A 224 -0.53 -5.93 11.48
C PHE A 224 0.96 -6.05 11.20
N LEU A 225 1.74 -5.06 11.58
CA LEU A 225 3.18 -5.11 11.35
C LEU A 225 3.80 -6.40 11.90
N LYS A 226 3.44 -6.76 13.13
CA LYS A 226 3.95 -7.97 13.77
C LYS A 226 3.55 -9.18 12.94
N TRP A 227 2.27 -9.27 12.62
CA TRP A 227 1.73 -10.37 11.82
C TRP A 227 2.43 -10.39 10.46
N ILE A 228 2.68 -9.21 9.89
CA ILE A 228 3.37 -9.13 8.60
C ILE A 228 4.81 -9.60 8.74
N ASP A 229 5.48 -9.13 9.79
CA ASP A 229 6.87 -9.51 10.04
C ASP A 229 6.98 -11.03 10.22
N ARG A 230 6.01 -11.62 10.91
CA ARG A 230 5.98 -13.06 11.12
C ARG A 230 5.67 -13.80 9.83
N SER A 231 4.84 -13.21 8.97
CA SER A 231 4.47 -13.83 7.69
C SER A 231 5.61 -13.84 6.70
N MET A 232 6.53 -12.87 6.81
CA MET A 232 7.64 -12.78 5.87
C MET A 232 8.85 -13.65 6.24
N LYS A 233 8.82 -14.28 7.41
CA LYS A 233 9.95 -15.12 7.80
C LYS A 233 9.70 -16.54 7.34
N THR A 234 8.42 -16.84 7.06
CA THR A 234 8.00 -18.15 6.58
C THR A 234 6.92 -17.98 5.53
N LEU B 1 12.64 16.38 21.33
CA LEU B 1 11.22 16.04 21.03
C LEU B 1 11.08 15.41 19.64
N CYS B 2 10.57 14.18 19.59
CA CYS B 2 10.33 13.54 18.30
C CYS B 2 9.11 14.28 17.74
N SER B 3 8.47 15.05 18.63
CA SER B 3 7.28 15.83 18.32
C SER B 3 7.62 17.08 17.52
N LEU B 4 8.88 17.50 17.59
CA LEU B 4 9.31 18.69 16.86
C LEU B 4 9.94 18.30 15.53
N ASP B 5 9.19 18.52 14.45
CA ASP B 5 9.65 18.22 13.10
C ASP B 5 10.31 16.85 13.02
N ASN B 6 9.84 15.90 13.84
CA ASN B 6 10.46 14.58 13.87
C ASN B 6 11.89 14.98 14.25
N GLY B 7 12.41 14.44 15.34
CA GLY B 7 13.75 14.81 15.79
C GLY B 7 14.85 14.86 14.75
N ASP B 8 14.61 15.62 13.67
CA ASP B 8 15.53 15.79 12.56
C ASP B 8 15.95 14.48 11.92
N CYS B 9 15.19 13.42 12.17
CA CYS B 9 15.46 12.09 11.61
C CYS B 9 14.91 11.97 10.20
N ASP B 10 15.56 11.18 9.36
CA ASP B 10 15.10 10.95 8.00
C ASP B 10 13.85 10.07 8.02
N GLN B 11 13.90 9.05 8.86
CA GLN B 11 12.81 8.11 8.98
C GLN B 11 12.38 7.86 10.43
N PHE B 12 12.55 6.65 10.94
CA PHE B 12 12.11 6.35 12.31
C PHE B 12 12.75 7.18 13.41
N CYS B 13 11.94 7.52 14.42
CA CYS B 13 12.41 8.32 15.54
C CYS B 13 11.93 7.77 16.87
N HIS B 14 12.85 7.57 17.80
CA HIS B 14 12.51 7.07 19.13
C HIS B 14 13.01 8.03 20.19
N GLU B 15 12.43 7.94 21.39
CA GLU B 15 12.83 8.78 22.49
C GLU B 15 13.33 7.94 23.68
N GLU B 16 14.62 7.61 23.63
CA GLU B 16 15.25 6.82 24.68
C GLU B 16 16.07 7.72 25.59
N GLN B 17 16.14 7.38 26.87
CA GLN B 17 16.88 8.17 27.86
C GLN B 17 16.54 9.65 27.77
N ASN B 18 15.32 9.95 27.34
CA ASN B 18 14.86 11.34 27.23
C ASN B 18 15.69 12.12 26.21
N SER B 19 15.85 11.55 25.02
CA SER B 19 16.62 12.19 23.97
C SER B 19 15.97 11.91 22.61
N VAL B 20 16.80 11.55 21.63
CA VAL B 20 16.33 11.25 20.28
C VAL B 20 17.28 10.27 19.62
N VAL B 21 16.73 9.18 19.09
CA VAL B 21 17.52 8.17 18.40
C VAL B 21 16.82 7.81 17.08
N CYS B 22 17.50 8.11 15.98
CA CYS B 22 16.97 7.84 14.65
C CYS B 22 17.38 6.45 14.18
N SER B 23 16.59 5.91 13.26
CA SER B 23 16.86 4.61 12.68
C SER B 23 16.20 4.61 11.31
N CYS B 24 16.47 3.58 10.52
CA CYS B 24 15.93 3.51 9.16
C CYS B 24 15.29 2.17 8.87
N ALA B 25 14.57 2.13 7.74
CA ALA B 25 13.90 0.91 7.31
C ALA B 25 14.97 -0.01 6.77
N ARG B 26 14.60 -1.26 6.56
CA ARG B 26 15.51 -2.27 6.04
C ARG B 26 15.98 -1.80 4.69
N GLY B 27 17.29 -1.90 4.46
CA GLY B 27 17.85 -1.48 3.19
C GLY B 27 18.54 -0.15 3.26
N TYR B 28 18.50 0.49 4.41
CA TYR B 28 19.16 1.78 4.61
C TYR B 28 20.06 1.66 5.82
N THR B 29 21.15 2.43 5.84
CA THR B 29 22.06 2.44 6.99
C THR B 29 21.99 3.85 7.59
N LEU B 30 22.09 3.97 8.91
CA LEU B 30 22.04 5.28 9.54
C LEU B 30 23.32 6.05 9.28
N ALA B 31 23.21 7.21 8.65
CA ALA B 31 24.37 8.03 8.32
C ALA B 31 25.20 8.45 9.53
N ASP B 32 26.37 8.99 9.26
CA ASP B 32 27.30 9.44 10.29
C ASP B 32 26.68 10.39 11.33
N ASN B 33 25.87 11.36 10.89
CA ASN B 33 25.25 12.30 11.81
C ASN B 33 24.11 11.63 12.59
N GLY B 34 23.97 10.33 12.40
CA GLY B 34 22.94 9.57 13.09
C GLY B 34 21.51 10.04 12.87
N LYS B 35 21.29 10.79 11.79
CA LYS B 35 19.96 11.29 11.47
C LYS B 35 19.51 10.85 10.07
N ALA B 36 20.37 11.10 9.09
CA ALA B 36 20.08 10.74 7.72
C ALA B 36 20.09 9.22 7.52
N CYS B 37 19.34 8.76 6.53
CA CYS B 37 19.28 7.33 6.21
C CYS B 37 19.85 7.17 4.81
N ILE B 38 20.93 6.40 4.68
CA ILE B 38 21.58 6.18 3.39
C ILE B 38 21.18 4.86 2.76
N PRO B 39 20.75 4.89 1.49
CA PRO B 39 20.33 3.72 0.72
C PRO B 39 21.48 2.74 0.52
N THR B 40 21.23 1.48 0.85
CA THR B 40 22.24 0.43 0.73
C THR B 40 22.55 -0.01 -0.69
N GLY B 41 21.59 0.12 -1.59
CA GLY B 41 21.83 -0.27 -2.96
C GLY B 41 20.86 0.43 -3.86
N PRO B 42 20.92 0.17 -5.17
CA PRO B 42 19.98 0.82 -6.07
C PRO B 42 18.55 0.38 -5.72
N TYR B 43 17.57 1.19 -6.07
CA TYR B 43 16.19 0.85 -5.78
C TYR B 43 15.84 0.60 -4.30
N PRO B 44 16.21 1.53 -3.41
CA PRO B 44 15.88 1.35 -1.99
C PRO B 44 14.37 1.47 -1.82
N CYS B 45 13.82 0.79 -0.81
CA CYS B 45 12.39 0.83 -0.59
C CYS B 45 11.92 2.25 -0.34
N GLY B 46 10.72 2.56 -0.80
CA GLY B 46 10.18 3.89 -0.58
C GLY B 46 10.57 5.00 -1.54
N LYS B 47 11.44 4.71 -2.51
CA LYS B 47 11.84 5.73 -3.48
C LYS B 47 11.25 5.47 -4.86
N GLN B 48 10.69 6.52 -5.45
CA GLN B 48 10.16 6.43 -6.79
C GLN B 48 11.40 6.20 -7.64
N THR B 49 11.29 5.42 -8.70
CA THR B 49 12.46 5.15 -9.52
C THR B 49 12.66 6.11 -10.68
N LEU B 50 13.92 6.46 -10.93
CA LEU B 50 14.26 7.38 -12.01
C LEU B 50 14.97 6.69 -13.17
N GLU B 51 15.67 5.60 -12.89
CA GLU B 51 16.37 4.87 -13.94
C GLU B 51 16.00 3.38 -13.96
#